data_4L7V
#
_entry.id   4L7V
#
_cell.length_a   46.904
_cell.length_b   46.904
_cell.length_c   161.182
_cell.angle_alpha   90.00
_cell.angle_beta   90.00
_cell.angle_gamma   90.00
#
_symmetry.space_group_name_H-M   'P 41 21 2'
#
loop_
_entity.id
_entity.type
_entity.pdbx_description
1 polymer 'Protein-L-isoaspartate O-methyltransferase'
2 non-polymer S-ADENOSYL-L-HOMOCYSTEINE
3 non-polymer 'CALCIUM ION'
4 non-polymer 'ACETATE ION'
5 water water
#
_entity_poly.entity_id   1
_entity_poly.type   'polypeptide(L)'
_entity_poly.pdbx_seq_one_letter_code
;GSHMASMTGGQQMGRGSMANPKADRLIQFLTEQGITSPQVLAAIHALPREFFVAPAMMHQAYDNNALPIGQGQTISQPYI
VAKMTELLALTPETKVLEIGTGSGYQTAVLAKLVNHVFTVERIKTLQWDAKRRLKQLDIYNVSTKHGDGWQGWPARGPFD
AILVTAAAAKVPQSLLDQLAEGGRMVIPVGEDEQYLYKIVRQGGQFISERVEAVRFVPLVAGDLA
;
_entity_poly.pdbx_strand_id   A
#
loop_
_chem_comp.id
_chem_comp.type
_chem_comp.name
_chem_comp.formula
ACT non-polymer 'ACETATE ION' 'C2 H3 O2 -1'
CA non-polymer 'CALCIUM ION' 'Ca 2'
#
# COMPACT_ATOMS: atom_id res chain seq x y z
N ASN A 20 -14.44 -16.17 14.29
CA ASN A 20 -15.64 -15.54 13.75
C ASN A 20 -15.75 -15.70 12.24
N PRO A 21 -16.97 -15.98 11.76
CA PRO A 21 -17.28 -16.33 10.36
C PRO A 21 -16.64 -15.39 9.33
N LYS A 22 -17.02 -14.11 9.33
CA LYS A 22 -16.56 -13.20 8.28
C LYS A 22 -15.02 -13.14 8.15
N ALA A 23 -14.32 -13.01 9.27
CA ALA A 23 -12.86 -13.03 9.24
C ALA A 23 -12.37 -14.33 8.61
N ASP A 24 -12.93 -15.45 9.08
CA ASP A 24 -12.57 -16.76 8.58
C ASP A 24 -12.99 -16.97 7.12
N ARG A 25 -14.19 -16.51 6.77
CA ARG A 25 -14.64 -16.63 5.39
C ARG A 25 -13.66 -15.93 4.47
N LEU A 26 -13.29 -14.70 4.80
CA LEU A 26 -12.38 -13.92 3.96
C LEU A 26 -11.02 -14.59 3.82
N ILE A 27 -10.46 -15.04 4.94
CA ILE A 27 -9.16 -15.68 4.90
C ILE A 27 -9.26 -16.97 4.08
N GLN A 28 -10.37 -17.68 4.25
CA GLN A 28 -10.61 -18.89 3.46
C GLN A 28 -10.60 -18.54 1.97
N PHE A 29 -11.34 -17.49 1.62
CA PHE A 29 -11.36 -16.97 0.24
C PHE A 29 -9.96 -16.72 -0.31
N LEU A 30 -9.16 -15.96 0.42
CA LEU A 30 -7.83 -15.60 -0.04
C LEU A 30 -6.97 -16.84 -0.34
N THR A 31 -7.00 -17.82 0.55
CA THR A 31 -6.18 -19.01 0.37
C THR A 31 -6.56 -19.71 -0.92
N GLU A 32 -7.85 -19.67 -1.24
CA GLU A 32 -8.34 -20.27 -2.49
C GLU A 32 -7.84 -19.51 -3.71
N GLN A 33 -7.54 -18.22 -3.52
CA GLN A 33 -7.03 -17.39 -4.59
C GLN A 33 -5.53 -17.57 -4.75
N GLY A 34 -4.90 -18.26 -3.81
CA GLY A 34 -3.48 -18.52 -3.91
C GLY A 34 -2.65 -17.63 -3.01
N ILE A 35 -3.29 -17.06 -2.00
CA ILE A 35 -2.60 -16.21 -1.05
C ILE A 35 -2.53 -16.90 0.31
N THR A 36 -1.35 -17.41 0.66
CA THR A 36 -1.22 -18.20 1.88
C THR A 36 -0.11 -17.75 2.79
N SER A 37 0.47 -16.58 2.52
CA SER A 37 1.45 -16.02 3.43
C SER A 37 0.78 -15.85 4.78
N PRO A 38 1.23 -16.62 5.79
CA PRO A 38 0.55 -16.55 7.09
C PRO A 38 0.59 -15.14 7.63
N GLN A 39 1.70 -14.44 7.40
CA GLN A 39 1.87 -13.05 7.81
C GLN A 39 0.71 -12.18 7.31
N VAL A 40 0.53 -12.17 5.99
CA VAL A 40 -0.48 -11.31 5.39
C VAL A 40 -1.89 -11.68 5.82
N LEU A 41 -2.18 -12.96 5.84
CA LEU A 41 -3.52 -13.44 6.24
C LEU A 41 -3.90 -13.05 7.68
N ALA A 42 -2.93 -13.08 8.58
CA ALA A 42 -3.20 -12.71 9.97
C ALA A 42 -3.40 -11.20 10.09
N ALA A 43 -2.51 -10.44 9.50
CA ALA A 43 -2.67 -8.99 9.43
C ALA A 43 -4.09 -8.68 9.00
N ILE A 44 -4.50 -9.27 7.89
CA ILE A 44 -5.81 -9.02 7.31
C ILE A 44 -6.95 -9.46 8.21
N HIS A 45 -6.85 -10.67 8.74
CA HIS A 45 -7.87 -11.25 9.60
C HIS A 45 -8.12 -10.38 10.84
N ALA A 46 -7.12 -9.62 11.25
CA ALA A 46 -7.21 -8.83 12.48
C ALA A 46 -8.01 -7.54 12.29
N LEU A 47 -8.33 -7.22 11.03
CA LEU A 47 -8.92 -5.92 10.71
C LEU A 47 -10.37 -6.00 10.25
N PRO A 48 -11.29 -5.39 11.01
CA PRO A 48 -12.69 -5.36 10.57
C PRO A 48 -12.82 -4.54 9.29
N ARG A 49 -12.91 -5.25 8.19
CA ARG A 49 -12.94 -4.61 6.88
C ARG A 49 -14.10 -3.62 6.81
N GLU A 50 -15.24 -4.02 7.37
CA GLU A 50 -16.45 -3.22 7.29
CA GLU A 50 -16.46 -3.24 7.31
C GLU A 50 -16.35 -1.92 8.07
N PHE A 51 -15.29 -1.78 8.86
CA PHE A 51 -15.08 -0.56 9.64
C PHE A 51 -14.41 0.52 8.78
N PHE A 52 -13.72 0.09 7.74
CA PHE A 52 -13.06 1.04 6.86
C PHE A 52 -14.02 1.53 5.78
N VAL A 53 -15.25 1.81 6.19
CA VAL A 53 -16.21 2.51 5.36
C VAL A 53 -16.92 3.55 6.23
N ALA A 54 -16.23 3.97 7.30
CA ALA A 54 -16.81 4.84 8.32
C ALA A 54 -17.74 5.92 7.75
N PRO A 55 -17.18 7.06 7.28
CA PRO A 55 -18.02 8.04 6.59
C PRO A 55 -18.37 7.61 5.16
N SER A 76 -14.62 -3.58 -2.71
CA SER A 76 -13.73 -4.13 -3.74
C SER A 76 -12.92 -5.32 -3.24
N GLN A 77 -11.83 -5.62 -3.95
CA GLN A 77 -11.08 -6.85 -3.71
C GLN A 77 -10.04 -6.76 -2.62
N PRO A 78 -10.34 -7.40 -1.47
CA PRO A 78 -9.32 -7.61 -0.44
C PRO A 78 -8.22 -8.55 -0.97
N TYR A 79 -8.50 -9.25 -2.06
CA TYR A 79 -7.42 -9.99 -2.74
C TYR A 79 -6.29 -9.08 -3.25
N ILE A 80 -6.65 -7.98 -3.91
CA ILE A 80 -5.64 -7.04 -4.39
C ILE A 80 -4.74 -6.56 -3.25
N VAL A 81 -5.36 -6.27 -2.11
CA VAL A 81 -4.62 -5.85 -0.94
C VAL A 81 -3.64 -6.93 -0.46
N ALA A 82 -4.10 -8.18 -0.48
CA ALA A 82 -3.29 -9.31 -0.03
C ALA A 82 -2.11 -9.54 -0.96
N LYS A 83 -2.38 -9.51 -2.25
CA LYS A 83 -1.35 -9.73 -3.27
C LYS A 83 -0.27 -8.64 -3.24
N MET A 84 -0.68 -7.37 -3.27
CA MET A 84 0.28 -6.28 -3.24
C MET A 84 1.10 -6.35 -1.96
N THR A 85 0.42 -6.61 -0.85
CA THR A 85 1.06 -6.72 0.46
C THR A 85 2.09 -7.84 0.47
N GLU A 86 1.71 -8.97 -0.10
CA GLU A 86 2.60 -10.12 -0.19
C GLU A 86 3.84 -9.77 -1.02
N LEU A 87 3.62 -9.03 -2.10
CA LEU A 87 4.72 -8.67 -3.02
C LEU A 87 5.79 -7.79 -2.39
N LEU A 88 5.41 -6.98 -1.40
CA LEU A 88 6.37 -6.09 -0.74
C LEU A 88 7.32 -6.86 0.13
N ALA A 89 7.02 -8.13 0.37
CA ALA A 89 7.89 -8.97 1.18
C ALA A 89 8.29 -8.22 2.46
N LEU A 90 7.31 -7.91 3.30
CA LEU A 90 7.58 -7.05 4.44
C LEU A 90 8.26 -7.79 5.56
N THR A 91 9.04 -7.07 6.33
CA THR A 91 9.59 -7.60 7.56
C THR A 91 9.51 -6.51 8.61
N PRO A 92 9.42 -6.90 9.88
CA PRO A 92 9.23 -5.93 10.97
C PRO A 92 10.23 -4.79 10.93
N GLU A 93 11.36 -4.98 10.25
CA GLU A 93 12.37 -3.92 10.13
C GLU A 93 12.20 -3.07 8.89
N THR A 94 11.10 -3.28 8.17
CA THR A 94 10.89 -2.61 6.91
C THR A 94 10.29 -1.22 7.12
N LYS A 95 10.87 -0.24 6.43
CA LYS A 95 10.36 1.13 6.45
C LYS A 95 9.51 1.30 5.20
N VAL A 96 8.22 1.60 5.37
CA VAL A 96 7.29 1.59 4.24
C VAL A 96 6.77 2.97 3.88
N LEU A 97 6.69 3.25 2.58
CA LEU A 97 5.97 4.42 2.10
C LEU A 97 4.74 3.94 1.35
N GLU A 98 3.57 4.42 1.76
CA GLU A 98 2.34 4.11 1.04
C GLU A 98 1.81 5.36 0.34
N ILE A 99 1.39 5.19 -0.91
CA ILE A 99 0.76 6.27 -1.63
C ILE A 99 -0.72 5.94 -1.83
N GLY A 100 -1.58 6.83 -1.32
CA GLY A 100 -3.02 6.69 -1.48
C GLY A 100 -3.69 6.14 -0.23
N THR A 101 -3.57 6.87 0.88
CA THR A 101 -4.08 6.39 2.14
C THR A 101 -5.53 5.90 2.08
N GLY A 102 -6.39 6.70 1.45
CA GLY A 102 -7.78 6.32 1.24
C GLY A 102 -8.59 6.07 2.50
N SER A 103 -9.16 4.87 2.60
CA SER A 103 -9.93 4.50 3.78
C SER A 103 -8.97 4.20 4.92
N GLY A 104 -7.73 3.86 4.57
CA GLY A 104 -6.74 3.47 5.56
C GLY A 104 -6.68 1.97 5.79
N TYR A 105 -7.50 1.21 5.06
CA TYR A 105 -7.54 -0.25 5.19
C TYR A 105 -6.18 -0.85 4.90
N GLN A 106 -5.66 -0.61 3.70
CA GLN A 106 -4.37 -1.16 3.32
C GLN A 106 -3.25 -0.56 4.18
N THR A 107 -3.49 0.63 4.71
CA THR A 107 -2.56 1.27 5.61
C THR A 107 -2.43 0.39 6.84
N ALA A 108 -3.59 0.04 7.41
CA ALA A 108 -3.69 -0.77 8.61
C ALA A 108 -3.03 -2.13 8.44
N VAL A 109 -3.25 -2.75 7.28
CA VAL A 109 -2.61 -4.02 6.95
C VAL A 109 -1.09 -3.90 7.04
N LEU A 110 -0.56 -2.83 6.48
CA LEU A 110 0.87 -2.56 6.46
C LEU A 110 1.43 -2.37 7.85
N ALA A 111 0.69 -1.64 8.68
CA ALA A 111 1.15 -1.27 10.01
C ALA A 111 1.30 -2.48 10.92
N LYS A 112 0.48 -3.50 10.71
CA LYS A 112 0.55 -4.71 11.54
C LYS A 112 1.81 -5.47 11.19
N LEU A 113 2.45 -5.12 10.08
CA LEU A 113 3.51 -5.95 9.54
C LEU A 113 4.90 -5.34 9.62
N VAL A 114 4.97 -4.02 9.68
CA VAL A 114 6.25 -3.34 9.75
C VAL A 114 6.29 -2.44 10.98
N ASN A 115 7.49 -2.01 11.39
CA ASN A 115 7.59 -1.15 12.56
C ASN A 115 7.05 0.27 12.34
N HIS A 116 7.21 0.82 11.15
CA HIS A 116 6.60 2.11 10.86
C HIS A 116 6.17 2.33 9.42
N VAL A 117 5.00 2.96 9.26
CA VAL A 117 4.47 3.27 7.94
C VAL A 117 4.36 4.78 7.71
N PHE A 118 4.78 5.21 6.53
CA PHE A 118 4.59 6.61 6.12
C PHE A 118 3.63 6.62 4.94
N THR A 119 2.52 7.35 5.08
CA THR A 119 1.45 7.27 4.08
C THR A 119 0.95 8.63 3.60
N VAL A 120 0.69 8.72 2.30
CA VAL A 120 0.37 9.98 1.65
C VAL A 120 -0.99 9.94 0.94
N GLU A 121 -1.89 10.86 1.30
CA GLU A 121 -3.16 10.98 0.60
C GLU A 121 -3.38 12.45 0.19
N ARG A 122 -3.87 12.67 -1.05
CA ARG A 122 -4.02 14.02 -1.56
C ARG A 122 -5.38 14.63 -1.23
N ILE A 123 -6.36 13.80 -0.89
CA ILE A 123 -7.68 14.28 -0.51
C ILE A 123 -7.71 14.54 0.98
N LYS A 124 -8.02 15.76 1.39
CA LYS A 124 -7.85 16.11 2.80
C LYS A 124 -8.73 15.28 3.73
N THR A 125 -10.02 15.26 3.46
CA THR A 125 -10.97 14.63 4.37
C THR A 125 -10.65 13.14 4.53
N LEU A 126 -10.16 12.53 3.45
CA LEU A 126 -9.79 11.12 3.48
C LEU A 126 -8.60 10.91 4.42
N GLN A 127 -7.68 11.87 4.42
CA GLN A 127 -6.52 11.77 5.29
C GLN A 127 -6.97 11.87 6.74
N TRP A 128 -7.85 12.83 7.02
CA TRP A 128 -8.42 12.99 8.35
C TRP A 128 -9.03 11.69 8.87
N ASP A 129 -9.97 11.14 8.11
CA ASP A 129 -10.66 9.92 8.50
C ASP A 129 -9.64 8.83 8.83
N ALA A 130 -8.98 8.34 7.80
CA ALA A 130 -7.99 7.28 7.94
C ALA A 130 -7.13 7.48 9.17
N LYS A 131 -6.67 8.71 9.37
CA LYS A 131 -5.88 9.04 10.53
C LYS A 131 -6.67 8.68 11.78
N ARG A 132 -7.95 9.03 11.78
CA ARG A 132 -8.81 8.82 12.92
C ARG A 132 -9.07 7.33 13.17
N ARG A 133 -9.26 6.57 12.09
CA ARG A 133 -9.52 5.15 12.20
C ARG A 133 -8.33 4.44 12.84
N LEU A 134 -7.12 4.86 12.44
CA LEU A 134 -5.91 4.18 12.88
C LEU A 134 -5.70 4.34 14.38
N LYS A 135 -6.07 5.49 14.90
CA LYS A 135 -5.99 5.74 16.34
C LYS A 135 -7.05 4.97 17.12
N GLN A 136 -8.23 4.80 16.51
CA GLN A 136 -9.31 4.07 17.14
C GLN A 136 -8.97 2.58 17.26
N LEU A 137 -8.09 2.11 16.38
CA LEU A 137 -7.65 0.72 16.41
C LEU A 137 -6.30 0.63 17.11
N ASP A 138 -5.94 1.68 17.82
CA ASP A 138 -4.66 1.73 18.53
C ASP A 138 -3.47 1.35 17.65
N ILE A 139 -3.51 1.81 16.40
CA ILE A 139 -2.39 1.65 15.48
C ILE A 139 -1.62 2.95 15.41
N TYR A 140 -0.55 3.07 16.19
CA TYR A 140 0.17 4.34 16.33
C TYR A 140 1.53 4.39 15.61
N ASN A 141 1.84 3.42 14.76
CA ASN A 141 3.13 3.45 14.07
C ASN A 141 2.98 3.94 12.63
N VAL A 142 2.12 4.94 12.45
CA VAL A 142 1.80 5.44 11.13
C VAL A 142 1.89 6.96 11.08
N SER A 143 2.65 7.47 10.13
CA SER A 143 2.71 8.91 9.90
C SER A 143 1.96 9.23 8.60
N THR A 144 0.88 10.00 8.71
CA THR A 144 0.10 10.38 7.53
C THR A 144 0.49 11.78 7.07
N LYS A 145 0.24 12.07 5.80
CA LYS A 145 0.58 13.37 5.22
C LYS A 145 -0.39 13.74 4.12
N HIS A 146 -0.98 14.93 4.19
CA HIS A 146 -1.82 15.45 3.11
C HIS A 146 -0.92 16.06 2.05
N GLY A 147 -0.80 15.38 0.91
CA GLY A 147 0.16 15.75 -0.11
C GLY A 147 0.03 14.93 -1.38
N ASP A 148 1.02 15.06 -2.26
CA ASP A 148 0.98 14.49 -3.61
C ASP A 148 2.00 13.36 -3.78
N GLY A 149 1.52 12.12 -3.76
CA GLY A 149 2.39 10.96 -3.83
C GLY A 149 3.38 10.94 -4.97
N TRP A 150 3.09 11.66 -6.05
CA TRP A 150 4.04 11.75 -7.17
C TRP A 150 5.41 12.18 -6.67
N GLN A 151 5.43 12.85 -5.53
CA GLN A 151 6.66 13.43 -4.99
C GLN A 151 7.25 12.55 -3.90
N GLY A 152 6.49 11.54 -3.49
CA GLY A 152 6.93 10.65 -2.45
C GLY A 152 6.95 11.36 -1.11
N TRP A 153 7.97 11.05 -0.31
CA TRP A 153 8.15 11.67 0.98
C TRP A 153 9.64 11.63 1.33
N PRO A 154 10.44 12.37 0.56
CA PRO A 154 11.90 12.35 0.61
C PRO A 154 12.42 12.52 2.04
N ALA A 155 11.95 13.56 2.71
CA ALA A 155 12.40 13.86 4.06
C ALA A 155 12.63 12.57 4.82
N ARG A 156 11.58 11.77 4.96
CA ARG A 156 11.71 10.46 5.58
C ARG A 156 12.56 9.59 4.68
N GLY A 157 13.65 9.06 5.25
CA GLY A 157 14.73 8.44 4.49
C GLY A 157 14.31 7.50 3.38
N PRO A 158 15.29 6.90 2.70
CA PRO A 158 14.96 5.89 1.69
C PRO A 158 14.04 4.85 2.31
N PHE A 159 13.16 4.26 1.50
CA PHE A 159 12.21 3.31 2.02
C PHE A 159 12.53 1.90 1.53
N ASP A 160 12.30 0.91 2.41
CA ASP A 160 12.52 -0.48 2.06
C ASP A 160 11.39 -1.01 1.19
N ALA A 161 10.18 -0.53 1.43
CA ALA A 161 9.05 -0.95 0.61
C ALA A 161 8.23 0.25 0.20
N ILE A 162 7.85 0.30 -1.07
CA ILE A 162 6.99 1.38 -1.53
C ILE A 162 5.74 0.81 -2.15
N LEU A 163 4.60 1.15 -1.56
CA LEU A 163 3.32 0.69 -2.08
C LEU A 163 2.51 1.85 -2.63
N VAL A 164 2.02 1.71 -3.85
CA VAL A 164 1.29 2.79 -4.47
C VAL A 164 -0.02 2.20 -4.88
N THR A 165 -1.11 2.82 -4.45
CA THR A 165 -2.42 2.23 -4.64
C THR A 165 -3.29 3.04 -5.59
N ALA A 166 -2.65 3.80 -6.48
CA ALA A 166 -3.34 4.50 -7.56
C ALA A 166 -2.56 4.32 -8.88
N ALA A 167 -3.28 4.21 -9.99
CA ALA A 167 -2.62 3.95 -11.27
C ALA A 167 -1.82 5.15 -11.76
N ALA A 168 -0.62 4.88 -12.29
CA ALA A 168 0.18 5.89 -12.97
C ALA A 168 0.60 5.35 -14.33
N ALA A 169 0.59 6.22 -15.34
CA ALA A 169 0.90 5.81 -16.71
C ALA A 169 2.35 5.40 -16.81
N LYS A 170 3.18 5.97 -15.94
CA LYS A 170 4.61 5.67 -15.85
CA LYS A 170 4.59 5.62 -15.85
C LYS A 170 5.03 5.78 -14.40
N VAL A 171 6.08 5.06 -14.02
CA VAL A 171 6.54 5.11 -12.65
C VAL A 171 7.05 6.50 -12.28
N PRO A 172 6.45 7.11 -11.25
CA PRO A 172 7.00 8.37 -10.78
C PRO A 172 8.47 8.19 -10.44
N GLN A 173 9.34 8.95 -11.09
CA GLN A 173 10.79 8.80 -10.89
C GLN A 173 11.19 9.15 -9.45
N SER A 174 10.42 10.02 -8.82
CA SER A 174 10.66 10.39 -7.43
C SER A 174 10.62 9.17 -6.52
N LEU A 175 9.67 8.28 -6.80
CA LEU A 175 9.53 7.05 -6.03
C LEU A 175 10.76 6.17 -6.21
N LEU A 176 11.14 5.96 -7.45
CA LEU A 176 12.38 5.24 -7.73
C LEU A 176 13.53 5.82 -6.92
N ASP A 177 13.62 7.14 -6.91
CA ASP A 177 14.71 7.80 -6.21
C ASP A 177 14.65 7.57 -4.71
N GLN A 178 13.45 7.36 -4.18
CA GLN A 178 13.26 7.11 -2.74
C GLN A 178 13.31 5.63 -2.34
N LEU A 179 13.66 4.75 -3.28
CA LEU A 179 13.69 3.32 -3.01
C LEU A 179 15.04 2.89 -2.48
N ALA A 180 15.08 2.54 -1.21
CA ALA A 180 16.31 2.07 -0.57
C ALA A 180 16.89 0.89 -1.34
N GLU A 181 18.16 0.59 -1.08
CA GLU A 181 18.81 -0.58 -1.65
C GLU A 181 18.13 -1.83 -1.10
N GLY A 182 17.85 -2.80 -1.96
CA GLY A 182 17.18 -4.01 -1.55
C GLY A 182 15.71 -3.79 -1.30
N GLY A 183 15.25 -2.59 -1.65
CA GLY A 183 13.85 -2.23 -1.46
C GLY A 183 12.96 -2.78 -2.56
N ARG A 184 11.68 -2.92 -2.26
CA ARG A 184 10.67 -3.38 -3.22
C ARG A 184 9.59 -2.33 -3.41
N MET A 185 9.16 -2.14 -4.64
CA MET A 185 8.07 -1.22 -4.94
C MET A 185 6.96 -1.97 -5.63
N VAL A 186 5.73 -1.69 -5.24
CA VAL A 186 4.57 -2.28 -5.90
C VAL A 186 3.66 -1.16 -6.38
N ILE A 187 3.30 -1.19 -7.66
CA ILE A 187 2.59 -0.07 -8.30
C ILE A 187 1.76 -0.48 -9.52
N PRO A 188 0.53 0.05 -9.63
CA PRO A 188 -0.30 -0.13 -10.84
C PRO A 188 0.11 0.84 -11.93
N VAL A 189 0.47 0.32 -13.10
CA VAL A 189 1.01 1.15 -14.16
C VAL A 189 0.19 0.98 -15.43
N GLY A 190 -0.13 2.10 -16.07
CA GLY A 190 -0.90 2.08 -17.30
C GLY A 190 -2.05 3.05 -17.29
N GLU A 191 -2.84 3.06 -18.35
CA GLU A 191 -4.03 3.90 -18.41
C GLU A 191 -5.26 3.04 -18.61
N ASP A 192 -5.75 2.98 -19.84
CA ASP A 192 -6.83 2.06 -20.18
C ASP A 192 -6.46 0.69 -19.61
N GLU A 193 -5.47 0.03 -20.23
CA GLU A 193 -4.93 -1.21 -19.67
C GLU A 193 -4.04 -0.89 -18.48
N GLN A 194 -4.07 -1.74 -17.45
CA GLN A 194 -3.23 -1.53 -16.28
C GLN A 194 -2.61 -2.83 -15.81
N TYR A 195 -1.33 -2.77 -15.45
CA TYR A 195 -0.68 -3.92 -14.83
C TYR A 195 0.02 -3.53 -13.55
N LEU A 196 -0.12 -4.39 -12.55
CA LEU A 196 0.56 -4.24 -11.27
C LEU A 196 2.00 -4.62 -11.51
N TYR A 197 2.92 -3.78 -11.03
CA TYR A 197 4.33 -4.06 -11.22
C TYR A 197 5.05 -4.17 -9.89
N LYS A 198 6.04 -5.05 -9.83
CA LYS A 198 6.95 -5.09 -8.70
C LYS A 198 8.34 -4.76 -9.20
N ILE A 199 8.96 -3.78 -8.56
CA ILE A 199 10.28 -3.31 -8.95
C ILE A 199 11.18 -3.44 -7.74
N VAL A 200 12.40 -3.92 -7.94
CA VAL A 200 13.35 -4.06 -6.84
C VAL A 200 14.64 -3.32 -7.16
N ARG A 201 15.32 -2.86 -6.13
CA ARG A 201 16.61 -2.22 -6.30
C ARG A 201 17.62 -3.12 -5.64
N GLN A 202 18.43 -3.80 -6.45
CA GLN A 202 19.42 -4.75 -5.92
C GLN A 202 20.69 -4.70 -6.76
N GLY A 203 21.83 -4.57 -6.09
CA GLY A 203 23.09 -4.42 -6.79
C GLY A 203 23.16 -3.10 -7.54
N GLY A 204 22.40 -2.11 -7.06
CA GLY A 204 22.41 -0.80 -7.69
C GLY A 204 21.55 -0.78 -8.93
N GLN A 205 21.04 -1.96 -9.30
CA GLN A 205 20.23 -2.10 -10.49
C GLN A 205 18.75 -2.26 -10.17
N PHE A 206 17.91 -1.58 -10.93
CA PHE A 206 16.47 -1.67 -10.78
C PHE A 206 15.98 -2.78 -11.68
N ILE A 207 15.13 -3.66 -11.15
CA ILE A 207 14.59 -4.75 -11.93
C ILE A 207 13.06 -4.79 -11.85
N SER A 208 12.42 -4.87 -13.01
CA SER A 208 10.98 -4.76 -13.12
C SER A 208 10.30 -6.11 -13.41
N GLU A 209 9.27 -6.46 -12.65
CA GLU A 209 8.46 -7.65 -12.91
C GLU A 209 7.00 -7.27 -13.10
N ARG A 210 6.44 -7.57 -14.27
CA ARG A 210 5.02 -7.33 -14.48
C ARG A 210 4.24 -8.47 -13.86
N VAL A 211 3.31 -8.14 -12.95
CA VAL A 211 2.63 -9.18 -12.17
C VAL A 211 1.29 -9.61 -12.79
N GLU A 212 0.27 -8.76 -12.71
CA GLU A 212 -1.03 -9.10 -13.26
C GLU A 212 -1.93 -7.89 -13.50
N ALA A 213 -2.86 -8.04 -14.42
CA ALA A 213 -3.78 -6.97 -14.80
C ALA A 213 -4.62 -6.45 -13.64
N VAL A 214 -4.76 -5.13 -13.55
CA VAL A 214 -5.61 -4.52 -12.53
C VAL A 214 -6.33 -3.29 -13.05
N ARG A 215 -7.14 -2.69 -12.18
CA ARG A 215 -7.81 -1.45 -12.50
C ARG A 215 -8.00 -0.60 -11.25
N PHE A 216 -7.16 0.42 -11.11
CA PHE A 216 -7.27 1.38 -10.02
C PHE A 216 -7.66 2.75 -10.56
N VAL A 217 -8.08 3.63 -9.66
CA VAL A 217 -8.30 5.03 -10.00
C VAL A 217 -6.93 5.66 -10.18
N PRO A 218 -6.88 6.78 -10.91
CA PRO A 218 -5.62 7.42 -11.31
C PRO A 218 -4.88 8.09 -10.16
N LEU A 219 -3.55 7.99 -10.17
CA LEU A 219 -2.69 8.83 -9.33
C LEU A 219 -2.70 10.25 -9.89
N VAL A 220 -3.36 11.17 -9.21
CA VAL A 220 -3.57 12.50 -9.78
C VAL A 220 -2.48 13.49 -9.37
N ALA A 221 -1.86 14.11 -10.36
CA ALA A 221 -0.77 15.04 -10.09
C ALA A 221 -1.28 16.46 -9.86
N GLY A 222 -0.45 17.32 -9.29
CA GLY A 222 -0.78 18.73 -9.17
C GLY A 222 -1.24 19.12 -7.79
N ASP A 223 -2.24 19.99 -7.73
CA ASP A 223 -2.76 20.52 -6.47
C ASP A 223 -3.46 19.47 -5.61
N LEU A 224 -3.85 19.87 -4.41
CA LEU A 224 -4.46 18.96 -3.46
C LEU A 224 -5.95 19.27 -3.30
N ALA A 225 -6.69 18.32 -2.76
CA ALA A 225 -8.10 18.51 -2.46
C ALA A 225 -8.41 18.01 -1.07
N SAH B . -5.20 2.02 -0.05
CA SAH B . -6.52 2.64 -0.14
CB SAH B . -7.07 2.54 -1.54
CG SAH B . -6.57 3.62 -2.48
SD SAH B . -7.96 4.32 -3.37
C SAH B . -7.53 2.00 0.79
O SAH B . -8.68 2.44 0.88
OXT SAH B . -7.22 1.02 1.45
C5' SAH B . -6.77 5.43 -4.18
C4' SAH B . -6.43 6.65 -3.30
O4' SAH B . -5.30 7.35 -3.78
C3' SAH B . -7.57 7.65 -3.29
O3' SAH B . -7.89 7.89 -1.95
C2' SAH B . -6.99 8.90 -3.89
O2' SAH B . -7.49 10.06 -3.25
C1' SAH B . -5.51 8.73 -3.62
N9 SAH B . -4.67 9.51 -4.54
C8 SAH B . -4.93 9.84 -5.85
N7 SAH B . -3.88 10.54 -6.32
C5 SAH B . -2.96 10.68 -5.34
C6 SAH B . -1.72 11.31 -5.29
N6 SAH B . -1.22 11.95 -6.34
N1 SAH B . -1.00 11.28 -4.12
C2 SAH B . -1.51 10.62 -3.02
N3 SAH B . -2.74 10.01 -3.09
C4 SAH B . -3.45 10.03 -4.22
CA CA C . 0.69 -17.93 -3.44
C ACT D . -9.43 17.27 -7.49
O ACT D . -8.29 17.49 -7.95
OXT ACT D . -10.23 18.23 -7.46
CH3 ACT D . -9.81 15.92 -7.02
H1 ACT D . -10.85 15.93 -6.67
H2 ACT D . -9.16 15.62 -6.20
H3 ACT D . -9.72 15.21 -7.84
#